data_2WZH
#
_entry.id   2WZH
#
_cell.length_a   184.760
_cell.length_b   52.290
_cell.length_c   86.930
_cell.angle_alpha   90.00
_cell.angle_beta   100.20
_cell.angle_gamma   90.00
#
_symmetry.space_group_name_H-M   'C 1 2 1'
#
loop_
_entity.id
_entity.type
_entity.pdbx_description
1 polymer 'O-GLCNACASE BT_4395'
2 non-polymer 2-METHYL-4,5-DIHYDRO-(1,2-DIDEOXY-ALPHA-D-GLUCOPYRANOSO)[2,1-D]-1,3-OXAZOLE
3 non-polymer GLYCEROL
4 non-polymer 'CALCIUM ION'
5 water water
#
_entity_poly.entity_id   1
_entity_poly.type   'polypeptide(L)'
_entity_poly.pdbx_seq_one_letter_code
;MKNNKIYLLGACLLCAVTTFAQNVSLQPPPQQLIVQNKTIDLPAVYQLNGGEEANPHAVKVLKELLSGKQSSKKGMLISI
GEKGDKSVRKYSRQIPDHKEGYYLSVNEKEIVLAGNDERGTYYALQTFAQLLKDGKLPEVEIKDYPSVRYRGVVEGFYGT
PWSHQARLSQLKFYGKNKMNTYIYGPKDDPYHSAPNWRLPYPDKEAAQLQELVAVANENEVDFVWAIHPGQDIKWNKEDR
DLLLAKFEKMYQLGVRSFAVFFNDISGEGTNPQKQAELLNYIDEKFAQVKPDINQLVMCPTEYNKSWSNPNGNYLTTLGD
KLNPSIQIMWTGDRVISDITRDGISWINERIKRPAYIWWNFPVSDYVRDHLLLGPVYGNDTTIAKEMSGFVTNPMEHAES
SKIAIYSVASYAWNPAKYDTWQTWKDAIRTILPSAAEELECFAMHNSDLGPNGHGYRREESMDIQPAAERFLKAFKEGKN
YDKADFETLQYTFERMKESADILLMNTENKPLIVEITPWVHQFKLTAEMGEEVLKMVEGRNESYFLRKYNHVKALQQQMF
YIDQTSNQNPYQPGVKTATRVIKPLIDRTFATVVKFFNQKFNAHLDATTDYMPHKMISNVEQIKNLPLQVKANRVLISPA
NEVVKWAAGNSVEIELDAIYPGENIQINFGKDAPCTWGRLEISTDGKEWKTVDLKQKESRLSAGLQKAPVKFVRFTNVSD
EEQQVYLRQFVLTIEKK
;
_entity_poly.pdbx_strand_id   A
#
loop_
_chem_comp.id
_chem_comp.type
_chem_comp.name
_chem_comp.formula
CA non-polymer 'CALCIUM ION' 'Ca 2'
GOL non-polymer GLYCEROL 'C3 H8 O3'
NGO non-polymer 2-METHYL-4,5-DIHYDRO-(1,2-DIDEOXY-ALPHA-D-GLUCOPYRANOSO)[2,1-D]-1,3-OXAZOLE 'C8 H14 N O5 1'
#
# COMPACT_ATOMS: atom_id res chain seq x y z
N SER A 25 -3.39 19.63 -8.67
CA SER A 25 -3.39 18.17 -8.33
C SER A 25 -3.50 17.91 -6.81
N LEU A 26 -4.47 17.09 -6.42
CA LEU A 26 -4.79 16.87 -5.02
C LEU A 26 -5.00 15.39 -4.77
N GLN A 27 -4.25 14.84 -3.81
CA GLN A 27 -4.40 13.41 -3.48
C GLN A 27 -4.62 13.26 -1.98
N PRO A 28 -5.75 12.70 -1.58
CA PRO A 28 -6.85 12.24 -2.47
C PRO A 28 -7.63 13.42 -3.03
N PRO A 29 -8.22 13.27 -4.24
CA PRO A 29 -9.06 14.38 -4.73
C PRO A 29 -10.31 14.58 -3.87
N PRO A 30 -10.64 15.87 -3.61
CA PRO A 30 -11.77 16.23 -2.80
C PRO A 30 -13.10 15.94 -3.48
N GLN A 31 -14.14 15.84 -2.67
CA GLN A 31 -15.48 15.54 -3.12
C GLN A 31 -15.98 16.65 -4.02
N GLN A 32 -15.59 17.88 -3.66
CA GLN A 32 -16.06 19.06 -4.40
C GLN A 32 -14.96 20.13 -4.43
N LEU A 33 -14.70 20.63 -5.61
CA LEU A 33 -13.62 21.56 -5.84
C LEU A 33 -14.02 22.53 -6.93
N ILE A 34 -13.97 23.82 -6.60
CA ILE A 34 -14.23 24.87 -7.56
C ILE A 34 -12.98 25.76 -7.62
N VAL A 35 -12.36 25.84 -8.80
CA VAL A 35 -11.10 26.57 -9.01
C VAL A 35 -11.37 27.80 -9.83
N GLN A 36 -10.73 28.92 -9.47
CA GLN A 36 -11.08 30.21 -10.05
C GLN A 36 -10.09 30.82 -11.06
N ASN A 37 -9.01 30.10 -11.37
CA ASN A 37 -8.01 30.61 -12.33
C ASN A 37 -7.46 31.97 -11.92
N LYS A 38 -7.22 32.09 -10.61
CA LYS A 38 -6.52 33.21 -10.01
C LYS A 38 -5.58 32.61 -8.97
N THR A 39 -4.56 33.35 -8.58
CA THR A 39 -3.66 32.93 -7.55
C THR A 39 -3.31 34.05 -6.62
N ILE A 40 -3.07 33.71 -5.37
CA ILE A 40 -2.94 34.62 -4.26
C ILE A 40 -1.59 34.35 -3.70
N ASP A 41 -1.03 35.29 -2.99
CA ASP A 41 0.26 35.07 -2.39
C ASP A 41 0.07 34.59 -0.98
N LEU A 42 0.89 33.67 -0.54
CA LEU A 42 0.81 33.32 0.88
C LEU A 42 1.14 34.63 1.60
N PRO A 43 0.21 35.09 2.47
CA PRO A 43 0.31 36.43 3.04
C PRO A 43 1.58 36.64 3.89
N ALA A 44 2.36 37.65 3.55
CA ALA A 44 3.54 38.03 4.33
C ALA A 44 3.15 38.55 5.72
N VAL A 45 2.07 39.33 5.77
CA VAL A 45 1.40 39.70 7.01
C VAL A 45 0.00 39.05 7.03
N TYR A 46 -0.36 38.45 8.16
CA TYR A 46 -1.65 37.77 8.30
C TYR A 46 -2.17 37.83 9.74
N GLN A 47 -3.47 37.65 9.90
CA GLN A 47 -4.09 37.64 11.22
C GLN A 47 -4.72 36.27 11.39
N LEU A 48 -4.31 35.53 12.42
CA LEU A 48 -4.81 34.17 12.63
C LEU A 48 -5.91 34.10 13.70
N ASN A 49 -7.14 33.78 13.29
CA ASN A 49 -8.25 33.60 14.23
C ASN A 49 -8.42 32.13 14.45
N GLY A 50 -8.45 31.69 15.70
CA GLY A 50 -8.75 30.28 16.04
C GLY A 50 -7.60 29.38 16.51
N GLY A 51 -6.37 29.90 16.43
CA GLY A 51 -5.16 29.14 16.79
C GLY A 51 -5.19 28.42 18.14
N GLU A 52 -5.88 29.02 19.10
CA GLU A 52 -5.93 28.43 20.42
C GLU A 52 -7.09 27.44 20.61
N GLU A 53 -8.09 27.48 19.73
CA GLU A 53 -9.22 26.58 19.89
C GLU A 53 -9.29 25.47 18.87
N ALA A 54 -8.48 25.59 17.83
CA ALA A 54 -8.49 24.57 16.79
C ALA A 54 -7.63 23.38 17.17
N ASN A 55 -7.84 22.28 16.46
CA ASN A 55 -7.05 21.07 16.64
C ASN A 55 -5.59 21.51 16.72
N PRO A 56 -4.85 21.10 17.79
CA PRO A 56 -3.44 21.52 17.88
C PRO A 56 -2.64 20.90 16.73
N HIS A 57 -2.90 19.65 16.37
CA HIS A 57 -2.12 19.05 15.26
C HIS A 57 -2.34 19.81 13.96
N ALA A 58 -3.54 20.35 13.75
CA ALA A 58 -3.78 21.14 12.54
C ALA A 58 -3.12 22.51 12.62
N VAL A 59 -3.23 23.17 13.77
CA VAL A 59 -2.56 24.47 13.97
C VAL A 59 -1.03 24.38 13.77
N LYS A 60 -0.47 23.26 14.22
CA LYS A 60 0.95 23.01 14.07
C LYS A 60 1.35 22.95 12.57
N VAL A 61 0.62 22.18 11.75
CA VAL A 61 0.88 22.18 10.30
C VAL A 61 0.73 23.62 9.76
N LEU A 62 -0.24 24.37 10.25
CA LEU A 62 -0.47 25.71 9.67
C LEU A 62 0.71 26.63 9.93
N LYS A 63 1.18 26.66 11.17
CA LYS A 63 2.25 27.58 11.53
C LYS A 63 3.55 27.25 10.85
N GLU A 64 3.87 25.98 10.70
CA GLU A 64 5.08 25.62 9.96
C GLU A 64 5.03 26.10 8.50
N LEU A 65 3.84 26.10 7.90
CA LEU A 65 3.63 26.65 6.56
C LEU A 65 3.74 28.18 6.48
N LEU A 66 3.47 28.86 7.60
CA LEU A 66 3.50 30.33 7.67
C LEU A 66 4.78 30.98 8.26
N GLY A 75 -3.69 43.03 8.28
CA GLY A 75 -3.25 41.84 7.53
C GLY A 75 -4.36 40.85 7.18
N MET A 76 -4.07 39.97 6.21
CA MET A 76 -5.02 38.97 5.69
C MET A 76 -5.50 37.98 6.75
N LEU A 77 -6.82 37.85 6.87
CA LEU A 77 -7.45 36.93 7.84
C LEU A 77 -7.36 35.48 7.39
N ILE A 78 -6.81 34.65 8.28
CA ILE A 78 -6.85 33.21 8.15
C ILE A 78 -7.64 32.64 9.36
N SER A 79 -8.68 31.87 9.06
CA SER A 79 -9.59 31.34 10.08
C SER A 79 -9.46 29.82 10.15
N ILE A 80 -9.15 29.31 11.33
CA ILE A 80 -8.99 27.86 11.48
C ILE A 80 -9.76 27.41 12.70
N GLY A 81 -10.45 26.27 12.61
CA GLY A 81 -11.28 25.84 13.74
C GLY A 81 -12.21 24.72 13.36
N GLU A 82 -12.80 24.10 14.35
CA GLU A 82 -13.81 23.11 14.16
C GLU A 82 -15.14 23.80 14.31
N LYS A 83 -16.13 23.33 13.61
CA LYS A 83 -17.46 23.81 13.75
C LYS A 83 -17.85 23.92 15.20
N GLY A 84 -18.36 25.06 15.59
CA GLY A 84 -18.66 25.25 16.99
C GLY A 84 -17.72 26.29 17.55
N ASP A 85 -16.52 26.36 16.98
CA ASP A 85 -15.56 27.40 17.37
C ASP A 85 -16.00 28.79 16.92
N LYS A 86 -15.77 29.80 17.75
CA LYS A 86 -16.05 31.20 17.36
C LYS A 86 -15.33 31.60 16.06
N SER A 87 -14.12 31.08 15.86
CA SER A 87 -13.35 31.40 14.65
C SER A 87 -14.09 31.10 13.33
N VAL A 88 -14.88 30.02 13.28
CA VAL A 88 -15.47 29.63 12.00
C VAL A 88 -17.00 29.78 11.96
N ARG A 89 -17.60 30.43 12.95
CA ARG A 89 -19.04 30.65 12.98
C ARG A 89 -19.63 31.11 11.65
N LYS A 90 -18.93 31.98 10.93
CA LYS A 90 -19.48 32.59 9.71
C LYS A 90 -19.57 31.55 8.59
N TYR A 91 -18.82 30.45 8.71
CA TYR A 91 -18.80 29.44 7.62
C TYR A 91 -19.48 28.12 7.97
N SER A 92 -20.34 28.08 8.99
CA SER A 92 -20.79 26.77 9.47
C SER A 92 -21.69 26.04 8.47
N ARG A 93 -22.33 26.77 7.59
CA ARG A 93 -23.15 26.18 6.56
C ARG A 93 -22.30 25.69 5.44
N GLN A 94 -21.05 26.10 5.45
CA GLN A 94 -20.12 25.68 4.45
C GLN A 94 -19.48 24.32 4.75
N ILE A 95 -19.39 23.96 6.02
CA ILE A 95 -18.73 22.78 6.50
C ILE A 95 -19.57 21.55 6.24
N PRO A 96 -19.07 20.60 5.47
CA PRO A 96 -19.84 19.41 5.20
C PRO A 96 -20.17 18.68 6.52
N ASP A 97 -21.40 18.22 6.63
CA ASP A 97 -21.86 17.52 7.83
C ASP A 97 -21.50 16.03 7.76
N HIS A 98 -20.20 15.76 7.77
CA HIS A 98 -19.70 14.38 7.73
C HIS A 98 -18.55 14.26 8.69
N LYS A 99 -18.47 13.12 9.37
CA LYS A 99 -17.24 12.74 10.08
C LYS A 99 -16.04 13.02 9.17
N GLU A 100 -15.05 13.76 9.68
CA GLU A 100 -13.79 14.02 8.95
C GLU A 100 -13.94 15.01 7.78
N GLY A 101 -15.09 15.65 7.66
CA GLY A 101 -15.30 16.63 6.62
C GLY A 101 -14.63 17.97 6.92
N TYR A 102 -14.53 18.79 5.88
CA TYR A 102 -13.96 20.12 6.06
C TYR A 102 -14.34 21.03 4.90
N TYR A 103 -14.38 22.32 5.19
CA TYR A 103 -14.50 23.33 4.17
C TYR A 103 -13.19 24.06 4.15
N LEU A 104 -12.69 24.31 2.97
CA LEU A 104 -11.46 25.06 2.80
C LEU A 104 -11.72 26.12 1.73
N SER A 105 -11.37 27.35 2.05
CA SER A 105 -11.53 28.43 1.09
C SER A 105 -10.26 29.29 1.04
N VAL A 106 -9.81 29.55 -0.19
CA VAL A 106 -8.79 30.59 -0.47
C VAL A 106 -9.29 31.64 -1.47
N ASN A 107 -9.26 32.91 -1.08
CA ASN A 107 -9.43 34.00 -2.04
C ASN A 107 -8.57 35.18 -1.65
N GLU A 108 -8.65 36.27 -2.40
CA GLU A 108 -7.78 37.42 -2.15
C GLU A 108 -8.06 38.10 -0.80
N LYS A 109 -9.27 37.91 -0.26
CA LYS A 109 -9.58 38.56 1.01
C LYS A 109 -9.25 37.74 2.23
N GLU A 110 -9.53 36.42 2.17
CA GLU A 110 -9.30 35.54 3.31
C GLU A 110 -9.03 34.05 3.02
N ILE A 111 -8.53 33.36 4.05
CA ILE A 111 -8.41 31.89 4.04
C ILE A 111 -9.21 31.26 5.19
N VAL A 112 -9.93 30.19 4.85
CA VAL A 112 -10.79 29.48 5.80
C VAL A 112 -10.38 28.02 5.79
N LEU A 113 -10.09 27.46 6.97
CA LEU A 113 -9.75 26.04 7.17
C LEU A 113 -10.65 25.52 8.30
N ALA A 114 -11.83 25.01 7.93
CA ALA A 114 -12.87 24.70 8.90
C ALA A 114 -13.26 23.23 8.88
N GLY A 115 -12.93 22.53 9.95
CA GLY A 115 -13.28 21.11 10.04
C GLY A 115 -14.67 20.92 10.61
N ASN A 116 -15.33 19.83 10.24
CA ASN A 116 -16.54 19.44 10.91
C ASN A 116 -16.20 18.91 12.31
N ASP A 117 -14.98 18.40 12.46
CA ASP A 117 -14.53 17.83 13.73
C ASP A 117 -13.02 18.04 13.72
N GLU A 118 -12.33 17.70 14.81
CA GLU A 118 -10.91 17.99 14.90
C GLU A 118 -10.11 17.33 13.77
N ARG A 119 -10.49 16.11 13.39
CA ARG A 119 -9.72 15.41 12.36
C ARG A 119 -9.96 16.05 10.98
N GLY A 120 -11.21 16.48 10.75
CA GLY A 120 -11.55 17.30 9.57
C GLY A 120 -10.67 18.54 9.44
N THR A 121 -10.36 19.19 10.56
CA THR A 121 -9.49 20.37 10.47
C THR A 121 -8.09 19.97 10.02
N TYR A 122 -7.59 18.87 10.57
CA TYR A 122 -6.29 18.36 10.19
C TYR A 122 -6.30 18.00 8.70
N TYR A 123 -7.35 17.30 8.27
CA TYR A 123 -7.50 17.02 6.83
C TYR A 123 -7.53 18.27 5.91
N ALA A 124 -8.18 19.35 6.36
CA ALA A 124 -8.11 20.64 5.65
C ALA A 124 -6.67 21.06 5.44
N LEU A 125 -5.86 20.96 6.50
CA LEU A 125 -4.46 21.36 6.41
C LEU A 125 -3.64 20.51 5.45
N GLN A 126 -3.92 19.19 5.39
CA GLN A 126 -3.18 18.32 4.47
C GLN A 126 -3.56 18.65 3.03
N THR A 127 -4.82 19.04 2.80
CA THR A 127 -5.17 19.56 1.45
C THR A 127 -4.48 20.91 1.21
N PHE A 128 -4.55 21.78 2.21
CA PHE A 128 -3.92 23.12 2.12
C PHE A 128 -2.42 23.05 1.74
N ALA A 129 -1.65 22.20 2.41
CA ALA A 129 -0.23 22.03 2.13
C ALA A 129 0.08 21.63 0.67
N GLN A 130 -0.87 20.95 0.01
CA GLN A 130 -0.67 20.56 -1.40
C GLN A 130 -1.01 21.69 -2.37
N LEU A 131 -1.84 22.64 -1.93
CA LEU A 131 -2.18 23.79 -2.75
C LEU A 131 -1.01 24.77 -2.83
N LEU A 132 -0.29 24.90 -1.72
CA LEU A 132 0.87 25.80 -1.66
C LEU A 132 1.96 25.37 -2.63
N LYS A 133 2.38 26.31 -3.47
CA LYS A 133 3.43 26.03 -4.45
C LYS A 133 4.23 27.29 -4.76
N ASP A 134 5.41 27.39 -4.15
CA ASP A 134 6.28 28.55 -4.37
C ASP A 134 5.72 29.79 -3.67
N GLY A 135 5.16 29.60 -2.48
CA GLY A 135 4.60 30.68 -1.72
C GLY A 135 3.37 31.28 -2.37
N LYS A 136 2.65 30.46 -3.12
CA LYS A 136 1.44 30.90 -3.81
C LYS A 136 0.34 29.86 -3.72
N LEU A 137 -0.91 30.33 -3.76
CA LEU A 137 -2.06 29.44 -3.67
C LEU A 137 -3.05 29.75 -4.78
N PRO A 138 -3.78 28.74 -5.27
CA PRO A 138 -4.80 29.08 -6.23
C PRO A 138 -6.00 29.61 -5.47
N GLU A 139 -6.89 30.32 -6.14
CA GLU A 139 -8.11 30.72 -5.49
C GLU A 139 -9.07 29.53 -5.67
N VAL A 140 -9.49 28.93 -4.55
CA VAL A 140 -10.35 27.73 -4.53
C VAL A 140 -11.38 27.73 -3.38
N GLU A 141 -12.30 26.78 -3.50
CA GLU A 141 -13.34 26.54 -2.56
C GLU A 141 -13.51 25.04 -2.65
N ILE A 142 -13.24 24.36 -1.53
CA ILE A 142 -13.33 22.92 -1.44
C ILE A 142 -14.31 22.53 -0.34
N LYS A 143 -15.16 21.55 -0.60
CA LYS A 143 -15.92 20.87 0.47
C LYS A 143 -15.60 19.40 0.30
N ASP A 144 -15.11 18.78 1.36
CA ASP A 144 -14.48 17.46 1.25
C ASP A 144 -14.77 16.66 2.51
N TYR A 145 -14.64 15.35 2.35
CA TYR A 145 -15.00 14.36 3.39
C TYR A 145 -14.73 12.96 2.78
N PRO A 146 -14.48 11.93 3.63
CA PRO A 146 -14.13 10.63 3.05
C PRO A 146 -15.40 9.87 2.60
N SER A 147 -15.30 9.07 1.55
CA SER A 147 -16.45 8.23 1.17
C SER A 147 -16.55 6.94 2.00
N VAL A 148 -15.42 6.52 2.58
CA VAL A 148 -15.35 5.28 3.37
C VAL A 148 -14.87 5.68 4.75
N ARG A 149 -15.47 5.12 5.79
CA ARG A 149 -15.29 5.61 7.14
C ARG A 149 -13.87 5.29 7.69
N TYR A 150 -13.37 4.07 7.46
CA TYR A 150 -12.04 3.68 7.92
C TYR A 150 -11.16 3.36 6.75
N ARG A 151 -9.98 3.98 6.73
CA ARG A 151 -9.11 3.88 5.58
C ARG A 151 -7.69 3.73 6.07
N GLY A 152 -7.00 2.67 5.67
CA GLY A 152 -5.62 2.57 6.01
C GLY A 152 -4.93 1.27 5.71
N VAL A 153 -4.07 0.87 6.65
CA VAL A 153 -3.17 -0.23 6.46
C VAL A 153 -3.27 -1.26 7.59
N VAL A 154 -3.20 -2.54 7.24
CA VAL A 154 -3.03 -3.59 8.23
C VAL A 154 -1.66 -4.21 8.04
N GLU A 155 -0.76 -4.04 9.02
CA GLU A 155 0.53 -4.75 8.98
C GLU A 155 0.19 -6.16 9.41
N GLY A 156 -0.29 -6.97 8.49
CA GLY A 156 -0.73 -8.29 8.86
C GLY A 156 -0.16 -9.42 8.05
N PHE A 157 0.97 -9.16 7.38
CA PHE A 157 1.64 -10.13 6.52
C PHE A 157 2.46 -11.16 7.34
N TYR A 158 2.82 -12.27 6.68
CA TYR A 158 3.90 -13.19 7.15
C TYR A 158 5.28 -12.66 6.72
N GLY A 159 6.28 -12.73 7.61
CA GLY A 159 7.66 -12.33 7.27
C GLY A 159 8.25 -11.36 8.29
N THR A 160 9.37 -10.70 7.97
CA THR A 160 10.00 -9.77 8.93
C THR A 160 9.10 -8.58 9.17
N PRO A 161 8.71 -8.33 10.44
CA PRO A 161 7.85 -7.21 10.75
C PRO A 161 8.53 -5.91 10.43
N TRP A 162 7.75 -4.87 10.21
CA TRP A 162 8.30 -3.57 9.88
C TRP A 162 9.22 -3.09 11.03
N SER A 163 10.34 -2.45 10.71
CA SER A 163 11.18 -1.90 11.76
C SER A 163 10.38 -0.76 12.48
N HIS A 164 10.78 -0.49 13.70
CA HIS A 164 10.27 0.68 14.40
C HIS A 164 10.39 1.98 13.57
N GLN A 165 11.55 2.21 12.94
CA GLN A 165 11.71 3.41 12.11
C GLN A 165 10.81 3.36 10.91
N ALA A 166 10.65 2.17 10.32
CA ALA A 166 9.71 2.03 9.21
C ALA A 166 8.32 2.50 9.63
N ARG A 167 7.80 1.96 10.74
CA ARG A 167 6.46 2.29 11.24
C ARG A 167 6.28 3.77 11.54
N LEU A 168 7.27 4.41 12.16
CA LEU A 168 7.19 5.87 12.36
C LEU A 168 6.96 6.57 11.02
N SER A 169 7.65 6.14 9.98
CA SER A 169 7.59 6.82 8.70
C SER A 169 6.18 6.59 8.08
N GLN A 170 5.67 5.36 8.23
CA GLN A 170 4.34 5.01 7.74
C GLN A 170 3.28 5.97 8.30
N LEU A 171 3.32 6.19 9.61
CA LEU A 171 2.25 6.92 10.25
C LEU A 171 2.22 8.38 9.81
N LYS A 172 3.39 8.98 9.58
CA LYS A 172 3.44 10.33 9.04
C LYS A 172 2.79 10.34 7.65
N PHE A 173 3.12 9.32 6.84
CA PHE A 173 2.60 9.17 5.49
C PHE A 173 1.07 9.00 5.48
N TYR A 174 0.52 8.24 6.45
CA TYR A 174 -0.92 8.01 6.53
C TYR A 174 -1.66 9.33 6.80
N GLY A 175 -1.19 10.10 7.75
CA GLY A 175 -1.86 11.35 8.07
C GLY A 175 -1.84 12.30 6.90
N LYS A 176 -0.79 12.22 6.10
CA LYS A 176 -0.68 13.12 4.93
C LYS A 176 -1.68 12.77 3.82
N ASN A 177 -2.02 11.49 3.75
CA ASN A 177 -2.93 10.96 2.74
C ASN A 177 -4.31 10.62 3.32
N LYS A 178 -4.59 11.21 4.49
CA LYS A 178 -5.87 11.10 5.17
C LYS A 178 -6.27 9.67 5.41
N MET A 179 -5.29 8.81 5.65
CA MET A 179 -5.60 7.48 6.17
C MET A 179 -5.69 7.55 7.71
N ASN A 180 -6.84 7.18 8.25
CA ASN A 180 -7.12 7.26 9.70
C ASN A 180 -6.91 5.95 10.46
N THR A 181 -6.39 4.93 9.80
CA THR A 181 -6.33 3.60 10.40
C THR A 181 -5.01 2.88 10.16
N TYR A 182 -4.43 2.39 11.27
CA TYR A 182 -3.27 1.49 11.24
C TYR A 182 -3.54 0.28 12.16
N ILE A 183 -3.63 -0.91 11.57
CA ILE A 183 -3.91 -2.11 12.33
C ILE A 183 -2.62 -2.88 12.50
N TYR A 184 -2.18 -2.92 13.76
CA TYR A 184 -0.90 -3.53 14.13
C TYR A 184 -1.13 -5.00 14.40
N GLY A 185 -0.63 -5.87 13.51
CA GLY A 185 -0.87 -7.33 13.71
C GLY A 185 0.13 -8.27 13.06
N PRO A 186 1.43 -8.01 13.29
CA PRO A 186 2.45 -8.81 12.63
C PRO A 186 2.44 -10.26 13.09
N LYS A 187 2.08 -11.15 12.19
CA LYS A 187 1.97 -12.57 12.47
C LYS A 187 3.11 -13.10 13.33
N ASP A 188 4.32 -12.58 13.14
CA ASP A 188 5.45 -13.13 13.89
C ASP A 188 5.84 -12.43 15.22
N ASP A 189 4.98 -11.51 15.68
CA ASP A 189 5.15 -10.86 16.99
C ASP A 189 4.58 -11.82 18.06
N PRO A 190 5.41 -12.30 19.01
CA PRO A 190 4.94 -13.34 19.93
C PRO A 190 4.03 -12.79 21.03
N TYR A 191 4.06 -11.48 21.27
CA TYR A 191 3.10 -10.83 22.17
C TYR A 191 1.77 -10.46 21.49
N HIS A 192 1.65 -10.74 20.18
CA HIS A 192 0.39 -10.58 19.41
C HIS A 192 -0.28 -11.94 19.15
N SER A 193 0.51 -13.00 19.01
CA SER A 193 -0.05 -14.32 18.64
C SER A 193 0.39 -15.39 19.64
N ALA A 194 0.10 -16.66 19.34
CA ALA A 194 0.32 -17.74 20.32
C ALA A 194 1.82 -18.02 20.60
N PRO A 195 2.16 -18.39 21.86
CA PRO A 195 1.33 -18.40 23.10
C PRO A 195 1.41 -17.13 23.95
N ASN A 196 2.32 -16.22 23.61
CA ASN A 196 2.54 -15.06 24.48
C ASN A 196 1.57 -13.87 24.29
N TRP A 197 0.50 -14.09 23.53
CA TRP A 197 -0.55 -13.08 23.49
C TRP A 197 -1.10 -12.79 24.89
N ARG A 198 -0.92 -13.76 25.78
CA ARG A 198 -1.37 -13.63 27.17
C ARG A 198 -0.45 -12.76 28.03
N LEU A 199 0.75 -12.45 27.54
CA LEU A 199 1.75 -11.79 28.41
C LEU A 199 1.81 -10.31 28.05
N PRO A 200 1.96 -9.45 29.05
CA PRO A 200 2.21 -8.01 28.74
C PRO A 200 3.49 -7.89 27.86
N TYR A 201 3.57 -6.90 26.96
CA TYR A 201 4.84 -6.64 26.23
C TYR A 201 5.92 -6.34 27.27
N PRO A 202 7.14 -6.87 27.06
CA PRO A 202 8.28 -6.48 27.90
C PRO A 202 8.48 -4.96 27.82
N ASP A 203 9.07 -4.39 28.86
CA ASP A 203 9.30 -2.95 28.98
C ASP A 203 9.80 -2.25 27.75
N LYS A 204 10.80 -2.83 27.11
CA LYS A 204 11.44 -2.16 25.99
C LYS A 204 10.46 -1.97 24.85
N GLU A 205 9.86 -3.09 24.43
CA GLU A 205 8.86 -3.10 23.41
C GLU A 205 7.63 -2.25 23.75
N ALA A 206 7.21 -2.27 25.03
CA ALA A 206 6.01 -1.55 25.42
C ALA A 206 6.27 -0.06 25.24
N ALA A 207 7.48 0.40 25.62
CA ALA A 207 7.84 1.81 25.36
C ALA A 207 7.83 2.16 23.86
N GLN A 208 8.14 1.19 23.00
CA GLN A 208 8.13 1.40 21.55
C GLN A 208 6.71 1.53 21.02
N LEU A 209 5.84 0.61 21.47
CA LEU A 209 4.45 0.68 21.08
C LEU A 209 3.82 2.02 21.50
N GLN A 210 4.13 2.42 22.73
CA GLN A 210 3.65 3.66 23.30
C GLN A 210 4.06 4.85 22.41
N GLU A 211 5.31 4.85 21.92
CA GLU A 211 5.74 5.92 21.01
C GLU A 211 4.95 5.84 19.71
N LEU A 212 4.74 4.63 19.20
CA LEU A 212 3.95 4.50 17.98
C LEU A 212 2.58 5.12 18.19
N VAL A 213 1.95 4.76 19.29
CA VAL A 213 0.65 5.30 19.63
C VAL A 213 0.62 6.84 19.70
N ALA A 214 1.55 7.45 20.44
CA ALA A 214 1.66 8.89 20.42
C ALA A 214 1.83 9.49 19.00
N VAL A 215 2.61 8.83 18.14
CA VAL A 215 2.90 9.40 16.81
C VAL A 215 1.67 9.20 15.92
N ALA A 216 0.97 8.09 16.09
CA ALA A 216 -0.30 7.88 15.38
C ALA A 216 -1.23 9.03 15.74
N ASN A 217 -1.33 9.33 17.04
CA ASN A 217 -2.19 10.36 17.55
C ASN A 217 -1.89 11.72 16.92
N GLU A 218 -0.62 12.08 16.91
CA GLU A 218 -0.13 13.30 16.27
C GLU A 218 -0.50 13.44 14.81
N ASN A 219 -0.72 12.33 14.12
CA ASN A 219 -0.99 12.33 12.70
C ASN A 219 -2.43 11.98 12.44
N GLU A 220 -3.25 12.04 13.49
CA GLU A 220 -4.67 11.71 13.34
C GLU A 220 -4.90 10.32 12.77
N VAL A 221 -4.09 9.34 13.20
CA VAL A 221 -4.30 7.92 12.81
C VAL A 221 -4.72 7.12 14.06
N ASP A 222 -5.76 6.29 13.96
CA ASP A 222 -6.10 5.34 15.03
C ASP A 222 -5.19 4.12 14.97
N PHE A 223 -4.35 3.96 15.97
CA PHE A 223 -3.56 2.76 16.15
C PHE A 223 -4.50 1.66 16.65
N VAL A 224 -4.73 0.66 15.82
CA VAL A 224 -5.61 -0.44 16.15
C VAL A 224 -4.73 -1.61 16.53
N TRP A 225 -4.68 -1.96 17.83
CA TRP A 225 -3.85 -3.08 18.25
C TRP A 225 -4.61 -4.40 18.15
N ALA A 226 -4.08 -5.30 17.34
CA ALA A 226 -4.72 -6.55 17.08
C ALA A 226 -4.09 -7.62 17.93
N ILE A 227 -4.88 -8.60 18.28
CA ILE A 227 -4.41 -9.77 18.98
C ILE A 227 -4.88 -11.00 18.19
N HIS A 228 -4.10 -12.09 18.27
CA HIS A 228 -4.32 -13.29 17.44
C HIS A 228 -4.24 -14.55 18.34
N PRO A 229 -5.32 -14.81 19.13
CA PRO A 229 -5.26 -15.82 20.19
C PRO A 229 -5.77 -17.22 19.86
N GLY A 230 -6.32 -17.36 18.66
CA GLY A 230 -7.19 -18.52 18.37
C GLY A 230 -6.48 -19.83 18.19
N GLN A 231 -5.18 -19.78 17.88
CA GLN A 231 -4.43 -21.06 17.71
C GLN A 231 -4.38 -21.90 18.96
N ASP A 232 -4.30 -21.23 20.11
CA ASP A 232 -4.26 -21.99 21.38
C ASP A 232 -5.26 -21.51 22.43
N ILE A 233 -6.27 -20.73 22.05
CA ILE A 233 -7.25 -20.23 23.01
C ILE A 233 -8.06 -21.38 23.64
N LYS A 234 -8.33 -21.26 24.93
CA LYS A 234 -9.26 -22.15 25.61
C LYS A 234 -10.49 -21.30 25.83
N TRP A 235 -11.65 -21.84 25.47
CA TRP A 235 -12.89 -21.13 25.69
C TRP A 235 -13.20 -21.39 27.18
N ASN A 236 -12.42 -20.75 28.05
CA ASN A 236 -12.72 -20.78 29.46
C ASN A 236 -12.44 -19.39 30.03
N LYS A 237 -12.76 -19.22 31.30
CA LYS A 237 -12.60 -17.97 32.05
C LYS A 237 -11.15 -17.54 32.13
N GLU A 238 -10.26 -18.49 32.45
CA GLU A 238 -8.84 -18.17 32.54
C GLU A 238 -8.36 -17.40 31.28
N ASP A 239 -8.61 -17.93 30.08
CA ASP A 239 -8.11 -17.25 28.85
C ASP A 239 -8.87 -15.97 28.52
N ARG A 240 -10.15 -15.96 28.83
CA ARG A 240 -10.95 -14.77 28.60
C ARG A 240 -10.49 -13.61 29.51
N ASP A 241 -10.21 -13.90 30.78
CA ASP A 241 -9.63 -12.88 31.70
C ASP A 241 -8.27 -12.42 31.23
N LEU A 242 -7.40 -13.36 30.82
CA LEU A 242 -6.09 -12.98 30.30
C LEU A 242 -6.20 -12.05 29.07
N LEU A 243 -7.17 -12.31 28.20
CA LEU A 243 -7.32 -11.46 27.03
C LEU A 243 -7.74 -10.07 27.46
N LEU A 244 -8.71 -9.97 28.38
CA LEU A 244 -9.07 -8.63 28.87
C LEU A 244 -7.91 -7.93 29.60
N ALA A 245 -7.13 -8.67 30.40
CA ALA A 245 -5.99 -8.07 31.11
C ALA A 245 -4.96 -7.52 30.11
N LYS A 246 -4.74 -8.27 29.03
CA LYS A 246 -3.84 -7.83 27.99
C LYS A 246 -4.41 -6.55 27.34
N PHE A 247 -5.69 -6.53 26.97
CA PHE A 247 -6.28 -5.34 26.37
C PHE A 247 -6.15 -4.15 27.32
N GLU A 248 -6.36 -4.40 28.61
CA GLU A 248 -6.18 -3.35 29.62
C GLU A 248 -4.75 -2.80 29.68
N LYS A 249 -3.72 -3.67 29.61
CA LYS A 249 -2.31 -3.22 29.55
C LYS A 249 -2.10 -2.32 28.34
N MET A 250 -2.61 -2.78 27.18
CA MET A 250 -2.54 -1.99 25.91
C MET A 250 -3.26 -0.66 26.09
N TYR A 251 -4.38 -0.66 26.81
CA TYR A 251 -5.09 0.62 27.09
C TYR A 251 -4.15 1.58 27.88
N GLN A 252 -3.52 1.04 28.93
CA GLN A 252 -2.52 1.79 29.69
C GLN A 252 -1.37 2.38 28.85
N LEU A 253 -1.01 1.74 27.73
CA LEU A 253 0.01 2.29 26.80
C LEU A 253 -0.56 3.31 25.78
N GLY A 254 -1.85 3.63 25.90
CA GLY A 254 -2.48 4.64 25.07
C GLY A 254 -3.39 4.05 24.00
N VAL A 255 -3.47 2.75 23.88
CA VAL A 255 -4.25 2.18 22.78
C VAL A 255 -5.77 2.44 22.97
N ARG A 256 -6.47 2.80 21.89
CA ARG A 256 -7.87 3.16 21.99
C ARG A 256 -8.70 2.45 20.93
N SER A 257 -8.07 1.69 20.04
CA SER A 257 -8.78 0.82 19.13
C SER A 257 -8.15 -0.55 19.20
N PHE A 258 -8.96 -1.59 18.94
CA PHE A 258 -8.59 -3.00 19.18
C PHE A 258 -9.20 -3.92 18.13
N ALA A 259 -8.49 -5.02 17.85
CA ALA A 259 -8.98 -6.04 16.91
C ALA A 259 -8.64 -7.42 17.45
N VAL A 260 -9.48 -8.40 17.10
CA VAL A 260 -9.24 -9.81 17.41
C VAL A 260 -9.25 -10.61 16.12
N PHE A 261 -8.11 -11.23 15.83
CA PHE A 261 -7.89 -11.87 14.54
C PHE A 261 -8.06 -13.37 14.74
N PHE A 262 -8.91 -14.00 13.92
CA PHE A 262 -9.00 -15.47 13.89
C PHE A 262 -8.61 -16.10 12.54
N ASN A 263 -7.75 -15.42 11.81
CA ASN A 263 -7.36 -15.83 10.43
C ASN A 263 -6.25 -16.87 10.45
N ASP A 264 -6.39 -17.90 9.60
CA ASP A 264 -5.32 -18.88 9.35
C ASP A 264 -4.97 -19.70 10.58
N ILE A 265 -5.98 -20.15 11.32
CA ILE A 265 -5.77 -20.98 12.47
C ILE A 265 -6.52 -22.24 12.22
N SER A 266 -6.21 -23.25 13.04
CA SER A 266 -6.94 -24.51 13.09
C SER A 266 -7.26 -24.91 14.56
N GLY A 267 -8.22 -25.79 14.73
CA GLY A 267 -8.58 -26.25 16.06
C GLY A 267 -9.77 -25.48 16.57
N GLU A 268 -9.99 -25.60 17.88
CA GLU A 268 -11.19 -25.15 18.56
C GLU A 268 -11.35 -23.64 18.53
N GLY A 269 -10.27 -22.92 18.27
CA GLY A 269 -10.34 -21.47 18.14
C GLY A 269 -11.13 -20.96 16.95
N THR A 270 -11.55 -21.89 16.06
CA THR A 270 -12.30 -21.54 14.84
C THR A 270 -13.81 -21.47 15.06
N ASN A 271 -14.26 -21.89 16.24
CA ASN A 271 -15.67 -21.92 16.60
C ASN A 271 -16.32 -20.52 16.54
N PRO A 272 -17.26 -20.33 15.60
CA PRO A 272 -17.87 -19.01 15.35
C PRO A 272 -18.74 -18.50 16.48
N GLN A 273 -19.44 -19.39 17.18
CA GLN A 273 -20.27 -18.98 18.31
C GLN A 273 -19.39 -18.48 19.45
N LYS A 274 -18.35 -19.26 19.75
CA LYS A 274 -17.36 -18.87 20.74
C LYS A 274 -16.70 -17.52 20.41
N GLN A 275 -16.34 -17.31 19.15
CA GLN A 275 -15.71 -16.07 18.74
C GLN A 275 -16.62 -14.87 18.97
N ALA A 276 -17.87 -14.98 18.54
CA ALA A 276 -18.81 -13.90 18.66
C ALA A 276 -19.04 -13.59 20.12
N GLU A 277 -19.19 -14.62 20.94
CA GLU A 277 -19.38 -14.44 22.39
C GLU A 277 -18.23 -13.69 23.01
N LEU A 278 -17.01 -14.04 22.60
CA LEU A 278 -15.81 -13.36 23.10
C LEU A 278 -15.79 -11.88 22.70
N LEU A 279 -16.00 -11.59 21.41
CA LEU A 279 -16.04 -10.22 20.94
C LEU A 279 -17.14 -9.38 21.64
N ASN A 280 -18.32 -9.98 21.81
CA ASN A 280 -19.41 -9.35 22.53
C ASN A 280 -19.07 -9.08 23.98
N TYR A 281 -18.35 -10.01 24.60
CA TYR A 281 -17.91 -9.87 25.96
C TYR A 281 -16.90 -8.72 26.09
N ILE A 282 -15.96 -8.66 25.16
CA ILE A 282 -15.00 -7.58 25.11
C ILE A 282 -15.69 -6.24 24.97
N ASP A 283 -16.67 -6.17 24.07
CA ASP A 283 -17.52 -5.00 23.88
C ASP A 283 -18.26 -4.60 25.18
N GLU A 284 -18.96 -5.55 25.79
CA GLU A 284 -19.67 -5.33 27.04
C GLU A 284 -18.79 -4.90 28.24
N LYS A 285 -17.68 -5.60 28.47
CA LYS A 285 -16.88 -5.31 29.65
C LYS A 285 -15.71 -4.34 29.44
N PHE A 286 -15.50 -3.87 28.21
CA PHE A 286 -14.32 -3.07 27.87
C PHE A 286 -14.63 -1.90 26.95
N ALA A 287 -15.03 -2.18 25.70
CA ALA A 287 -15.30 -1.08 24.76
C ALA A 287 -16.49 -0.19 25.16
N GLN A 288 -17.46 -0.75 25.88
CA GLN A 288 -18.60 0.00 26.41
C GLN A 288 -18.35 0.61 27.80
N VAL A 289 -17.24 0.23 28.44
CA VAL A 289 -16.92 0.68 29.78
C VAL A 289 -15.93 1.87 29.80
N LYS A 290 -14.92 1.82 28.93
CA LYS A 290 -13.92 2.85 28.78
C LYS A 290 -14.55 4.05 28.11
N PRO A 291 -14.11 5.27 28.46
CA PRO A 291 -14.81 6.41 27.87
C PRO A 291 -14.56 6.61 26.41
N ASP A 292 -13.47 6.07 25.88
CA ASP A 292 -12.94 6.56 24.60
C ASP A 292 -12.42 5.49 23.63
N ILE A 293 -13.05 4.33 23.62
CA ILE A 293 -12.67 3.33 22.64
C ILE A 293 -13.36 3.62 21.30
N ASN A 294 -12.59 3.59 20.22
CA ASN A 294 -13.10 3.82 18.87
C ASN A 294 -13.48 2.64 17.98
N GLN A 295 -12.48 1.93 17.45
CA GLN A 295 -12.77 0.80 16.54
C GLN A 295 -12.70 -0.49 17.41
N LEU A 296 -13.70 -1.36 17.28
CA LEU A 296 -13.55 -2.74 17.74
C LEU A 296 -13.82 -3.62 16.52
N VAL A 297 -12.81 -4.40 16.13
CA VAL A 297 -12.79 -5.08 14.83
C VAL A 297 -12.42 -6.55 15.00
N MET A 298 -13.06 -7.43 14.23
CA MET A 298 -12.65 -8.84 14.23
C MET A 298 -12.35 -9.37 12.81
N CYS A 299 -11.36 -10.26 12.68
CA CYS A 299 -11.12 -10.95 11.41
C CYS A 299 -11.59 -12.37 11.54
N PRO A 300 -12.55 -12.81 10.71
CA PRO A 300 -13.08 -14.15 10.89
C PRO A 300 -12.09 -15.21 10.33
N THR A 301 -12.35 -16.46 10.66
CA THR A 301 -11.53 -17.56 10.21
C THR A 301 -11.82 -17.83 8.74
N GLU A 302 -13.10 -17.90 8.41
CA GLU A 302 -13.51 -17.94 7.01
C GLU A 302 -13.64 -16.49 6.54
N TYR A 303 -12.56 -15.95 5.94
CA TYR A 303 -12.46 -14.52 5.62
C TYR A 303 -12.54 -14.26 4.11
N ASN A 304 -12.87 -15.29 3.31
CA ASN A 304 -13.13 -15.09 1.91
C ASN A 304 -14.21 -16.05 1.39
N LYS A 305 -14.81 -15.71 0.25
CA LYS A 305 -15.96 -16.45 -0.25
C LYS A 305 -15.62 -17.93 -0.52
N SER A 306 -14.50 -18.21 -1.20
CA SER A 306 -14.17 -19.57 -1.58
C SER A 306 -13.97 -20.51 -0.39
N TRP A 307 -13.99 -19.98 0.82
CA TRP A 307 -13.73 -20.80 2.00
C TRP A 307 -14.94 -21.03 2.89
N SER A 308 -16.11 -21.13 2.27
CA SER A 308 -17.34 -21.41 2.94
C SER A 308 -18.31 -22.00 1.93
N ASN A 313 -22.48 -22.91 8.08
CA ASN A 313 -23.18 -21.78 8.75
C ASN A 313 -22.30 -20.74 9.50
N TYR A 314 -20.99 -20.79 9.27
CA TYR A 314 -20.03 -19.93 9.99
C TYR A 314 -20.36 -18.43 9.89
N LEU A 315 -20.64 -17.95 8.68
CA LEU A 315 -20.74 -16.52 8.45
C LEU A 315 -22.02 -15.92 9.01
N THR A 316 -23.12 -16.65 8.82
CA THR A 316 -24.43 -16.29 9.38
C THR A 316 -24.43 -16.37 10.91
N THR A 317 -23.73 -17.35 11.50
CA THR A 317 -23.57 -17.35 12.95
C THR A 317 -22.96 -16.02 13.44
N LEU A 318 -21.87 -15.56 12.81
CA LEU A 318 -21.24 -14.29 13.18
C LEU A 318 -22.12 -13.09 12.90
N GLY A 319 -22.76 -13.07 11.72
CA GLY A 319 -23.60 -11.95 11.32
C GLY A 319 -24.77 -11.75 12.27
N ASP A 320 -25.32 -12.86 12.75
CA ASP A 320 -26.47 -12.82 13.65
C ASP A 320 -26.14 -12.56 15.12
N LYS A 321 -25.01 -13.07 15.60
CA LYS A 321 -24.66 -13.03 17.03
C LYS A 321 -23.81 -11.83 17.47
N LEU A 322 -22.90 -11.39 16.59
CA LEU A 322 -21.93 -10.36 16.91
C LEU A 322 -22.63 -9.01 17.01
N ASN A 323 -22.40 -8.30 18.12
CA ASN A 323 -22.99 -6.97 18.29
C ASN A 323 -22.80 -6.12 17.05
N PRO A 324 -23.83 -5.33 16.68
CA PRO A 324 -23.80 -4.60 15.37
C PRO A 324 -22.70 -3.53 15.19
N SER A 325 -22.22 -2.97 16.29
CA SER A 325 -21.13 -2.00 16.23
C SER A 325 -19.74 -2.64 15.92
N ILE A 326 -19.63 -3.96 16.11
CA ILE A 326 -18.36 -4.64 15.90
C ILE A 326 -18.09 -4.86 14.39
N GLN A 327 -16.88 -4.56 13.93
CA GLN A 327 -16.56 -4.73 12.50
C GLN A 327 -16.10 -6.17 12.15
N ILE A 328 -16.43 -6.59 10.94
CA ILE A 328 -16.04 -7.92 10.43
C ILE A 328 -15.22 -7.76 9.16
N MET A 329 -14.01 -8.34 9.14
CA MET A 329 -13.12 -8.19 8.00
C MET A 329 -13.30 -9.28 6.97
N TRP A 330 -12.81 -8.97 5.77
CA TRP A 330 -13.17 -9.71 4.59
C TRP A 330 -12.12 -9.43 3.53
N THR A 331 -11.63 -10.48 2.87
CA THR A 331 -10.61 -10.28 1.81
C THR A 331 -11.20 -10.39 0.39
N GLY A 332 -12.48 -10.71 0.28
CA GLY A 332 -13.10 -10.77 -1.06
C GLY A 332 -13.51 -12.18 -1.42
N ASP A 333 -13.51 -12.49 -2.71
CA ASP A 333 -13.99 -13.77 -3.18
C ASP A 333 -12.98 -14.87 -2.94
N ARG A 334 -11.70 -14.48 -2.82
CA ARG A 334 -10.61 -15.41 -2.63
C ARG A 334 -9.68 -14.76 -1.62
N VAL A 335 -8.75 -15.54 -1.07
CA VAL A 335 -7.68 -14.96 -0.24
C VAL A 335 -7.10 -13.69 -0.87
N ILE A 336 -6.63 -13.80 -2.09
CA ILE A 336 -6.23 -12.61 -2.85
C ILE A 336 -7.29 -12.27 -3.90
N SER A 337 -8.02 -11.17 -3.71
CA SER A 337 -8.89 -10.71 -4.78
C SER A 337 -9.20 -9.25 -4.74
N ASP A 338 -9.73 -8.75 -5.84
CA ASP A 338 -10.24 -7.40 -5.90
C ASP A 338 -11.74 -7.38 -5.56
N ILE A 339 -12.22 -6.25 -5.06
CA ILE A 339 -13.56 -6.17 -4.53
C ILE A 339 -14.56 -5.72 -5.61
N THR A 340 -15.55 -6.58 -5.85
CA THR A 340 -16.60 -6.32 -6.82
C THR A 340 -17.94 -5.97 -6.12
N ARG A 341 -18.88 -5.40 -6.88
CA ARG A 341 -20.28 -5.23 -6.41
C ARG A 341 -20.96 -6.53 -6.00
N ASP A 342 -20.77 -7.60 -6.77
CA ASP A 342 -21.42 -8.86 -6.43
C ASP A 342 -20.71 -9.48 -5.24
N GLY A 343 -19.38 -9.37 -5.19
CA GLY A 343 -18.62 -9.92 -4.09
C GLY A 343 -18.90 -9.31 -2.72
N ILE A 344 -19.24 -8.02 -2.70
CA ILE A 344 -19.46 -7.30 -1.48
C ILE A 344 -20.89 -7.46 -0.96
N SER A 345 -21.89 -7.56 -1.91
CA SER A 345 -23.26 -7.90 -1.57
C SER A 345 -23.33 -9.28 -1.04
N TRP A 346 -22.62 -10.18 -1.66
CA TRP A 346 -22.63 -11.55 -1.13
C TRP A 346 -22.25 -11.56 0.36
N ILE A 347 -21.14 -10.92 0.73
CA ILE A 347 -20.71 -10.94 2.13
C ILE A 347 -21.67 -10.13 3.03
N ASN A 348 -22.04 -8.91 2.64
CA ASN A 348 -22.90 -8.04 3.47
C ASN A 348 -24.26 -8.66 3.80
N GLU A 349 -24.73 -9.53 2.91
CA GLU A 349 -25.97 -10.24 3.15
C GLU A 349 -25.79 -11.20 4.32
N ARG A 350 -24.64 -11.83 4.41
CA ARG A 350 -24.41 -12.83 5.45
C ARG A 350 -24.01 -12.23 6.79
N ILE A 351 -23.15 -11.20 6.77
CA ILE A 351 -22.71 -10.59 8.04
C ILE A 351 -23.64 -9.50 8.58
N LYS A 352 -24.67 -9.17 7.80
CA LYS A 352 -25.70 -8.22 8.21
C LYS A 352 -25.16 -6.83 8.55
N ARG A 353 -24.07 -6.43 7.88
CA ARG A 353 -23.43 -5.12 8.04
C ARG A 353 -22.46 -4.94 6.87
N PRO A 354 -22.05 -3.68 6.60
CA PRO A 354 -21.06 -3.49 5.51
C PRO A 354 -19.68 -3.98 5.94
N ALA A 355 -19.09 -4.82 5.10
CA ALA A 355 -17.85 -5.50 5.36
C ALA A 355 -16.70 -4.52 5.46
N TYR A 356 -15.73 -4.86 6.29
CA TYR A 356 -14.54 -4.04 6.52
C TYR A 356 -13.48 -4.77 5.72
N ILE A 357 -13.05 -4.15 4.64
CA ILE A 357 -12.27 -4.87 3.63
C ILE A 357 -10.80 -4.93 3.99
N TRP A 358 -10.25 -6.13 3.95
CA TRP A 358 -8.84 -6.41 4.01
C TRP A 358 -8.36 -6.75 2.60
N TRP A 359 -7.76 -5.83 1.91
CA TRP A 359 -7.31 -6.10 0.57
C TRP A 359 -5.87 -6.62 0.52
N ASN A 360 -5.68 -7.86 0.08
CA ASN A 360 -4.34 -8.45 0.06
C ASN A 360 -3.50 -8.06 -1.15
N PHE A 361 -3.18 -6.76 -1.25
CA PHE A 361 -2.24 -6.22 -2.25
C PHE A 361 -1.76 -4.95 -1.58
N PRO A 362 -0.46 -4.67 -1.69
CA PRO A 362 0.58 -5.38 -2.42
C PRO A 362 1.29 -6.50 -1.66
N VAL A 363 0.70 -7.07 -0.60
CA VAL A 363 1.34 -8.16 0.20
C VAL A 363 2.01 -9.18 -0.73
N SER A 364 3.27 -9.53 -0.44
CA SER A 364 4.02 -10.40 -1.36
C SER A 364 4.57 -11.58 -0.59
N ASP A 365 3.96 -11.89 0.55
CA ASP A 365 4.48 -12.92 1.45
C ASP A 365 4.33 -14.38 0.93
N TYR A 366 3.72 -14.54 -0.23
CA TYR A 366 3.57 -15.83 -0.85
C TYR A 366 4.29 -15.80 -2.19
N VAL A 367 4.89 -14.67 -2.53
CA VAL A 367 5.74 -14.50 -3.73
C VAL A 367 6.95 -13.62 -3.33
N ARG A 368 7.67 -14.04 -2.28
CA ARG A 368 8.64 -13.17 -1.63
C ARG A 368 9.86 -12.76 -2.49
N ASP A 369 10.02 -13.38 -3.65
CA ASP A 369 11.09 -13.04 -4.57
C ASP A 369 10.71 -11.96 -5.56
N HIS A 370 9.48 -11.43 -5.39
CA HIS A 370 8.96 -10.37 -6.27
C HIS A 370 8.66 -9.11 -5.50
N LEU A 371 8.86 -7.96 -6.13
CA LEU A 371 8.34 -6.70 -5.55
C LEU A 371 7.11 -6.36 -6.36
N LEU A 372 6.05 -5.86 -5.73
CA LEU A 372 4.81 -5.57 -6.44
C LEU A 372 4.63 -4.06 -6.42
N LEU A 373 5.21 -3.39 -7.42
CA LEU A 373 5.31 -1.91 -7.43
C LEU A 373 4.40 -1.22 -8.43
N GLY A 374 3.43 -1.98 -8.98
CA GLY A 374 2.45 -1.46 -9.91
C GLY A 374 1.27 -0.70 -9.34
N PRO A 375 0.44 -0.13 -10.25
CA PRO A 375 -0.80 0.57 -9.87
C PRO A 375 -1.78 -0.30 -9.06
N VAL A 376 -2.61 0.35 -8.25
CA VAL A 376 -3.69 -0.27 -7.54
C VAL A 376 -4.89 -0.17 -8.46
N TYR A 377 -5.47 -1.30 -8.85
CA TYR A 377 -6.63 -1.28 -9.73
C TYR A 377 -7.44 -2.52 -9.46
N GLY A 378 -8.63 -2.60 -10.05
CA GLY A 378 -9.44 -3.82 -10.01
C GLY A 378 -10.60 -3.76 -9.02
N ASN A 379 -10.55 -2.78 -8.13
CA ASN A 379 -11.59 -2.57 -7.13
C ASN A 379 -12.69 -1.68 -7.68
N ASP A 380 -13.94 -2.04 -7.42
CA ASP A 380 -15.08 -1.32 -7.97
C ASP A 380 -15.15 0.05 -7.26
N THR A 381 -15.42 1.07 -8.06
CA THR A 381 -15.36 2.45 -7.61
C THR A 381 -16.69 3.04 -7.18
N THR A 382 -17.76 2.23 -7.20
CA THR A 382 -19.14 2.72 -6.94
C THR A 382 -19.78 2.10 -5.69
N ILE A 383 -19.01 1.32 -4.94
CA ILE A 383 -19.52 0.59 -3.78
C ILE A 383 -19.04 1.17 -2.42
N ALA A 384 -18.69 2.45 -2.36
CA ALA A 384 -18.27 3.07 -1.08
C ALA A 384 -19.29 2.85 0.06
N LYS A 385 -20.58 2.86 -0.26
CA LYS A 385 -21.57 2.69 0.79
C LYS A 385 -21.63 1.26 1.30
N GLU A 386 -21.12 0.31 0.53
CA GLU A 386 -21.21 -1.10 0.91
C GLU A 386 -20.02 -1.55 1.76
N MET A 387 -19.09 -0.64 2.11
CA MET A 387 -17.95 -0.98 2.97
C MET A 387 -17.81 -0.09 4.19
N SER A 388 -17.55 -0.70 5.33
CA SER A 388 -17.24 0.04 6.56
C SER A 388 -15.83 0.58 6.55
N GLY A 389 -14.92 -0.19 5.94
CA GLY A 389 -13.51 0.17 5.97
C GLY A 389 -12.86 -0.53 4.82
N PHE A 390 -11.67 -0.04 4.47
CA PHE A 390 -10.85 -0.59 3.40
C PHE A 390 -9.38 -0.40 3.85
N VAL A 391 -8.70 -1.53 4.14
CA VAL A 391 -7.27 -1.51 4.45
C VAL A 391 -6.51 -2.41 3.49
N THR A 392 -5.24 -2.04 3.27
CA THR A 392 -4.32 -2.82 2.44
C THR A 392 -3.15 -3.44 3.24
N ASN A 393 -3.03 -4.77 3.10
CA ASN A 393 -1.96 -5.56 3.65
C ASN A 393 -0.81 -5.42 2.70
N PRO A 394 0.23 -4.77 3.18
CA PRO A 394 1.39 -4.45 2.33
C PRO A 394 2.52 -5.48 2.33
N MET A 395 3.62 -5.12 1.66
CA MET A 395 4.76 -5.99 1.61
C MET A 395 5.50 -5.83 2.96
N GLU A 396 6.32 -6.81 3.30
CA GLU A 396 7.31 -6.65 4.37
C GLU A 396 8.25 -5.46 4.05
N HIS A 397 8.34 -5.05 2.77
CA HIS A 397 9.12 -3.86 2.37
C HIS A 397 8.27 -2.61 2.54
N ALA A 398 8.40 -1.99 3.71
CA ALA A 398 7.58 -0.86 4.11
C ALA A 398 7.60 0.33 3.16
N GLU A 399 8.79 0.86 2.83
CA GLU A 399 8.87 2.04 1.96
C GLU A 399 8.37 1.73 0.55
N SER A 400 8.70 0.55 0.03
CA SER A 400 8.27 0.12 -1.33
C SER A 400 6.74 0.01 -1.43
N SER A 401 6.06 -0.23 -0.29
CA SER A 401 4.60 -0.32 -0.25
C SER A 401 3.89 1.02 -0.34
N LYS A 402 4.62 2.14 -0.19
CA LYS A 402 3.97 3.44 -0.17
C LYS A 402 3.34 3.75 -1.54
N ILE A 403 3.82 3.11 -2.62
CA ILE A 403 3.21 3.36 -3.91
C ILE A 403 1.73 2.92 -3.90
N ALA A 404 1.49 1.70 -3.44
CA ALA A 404 0.11 1.15 -3.33
C ALA A 404 -0.66 1.80 -2.22
N ILE A 405 0.02 2.06 -1.12
CA ILE A 405 -0.67 2.67 0.02
C ILE A 405 -1.23 4.06 -0.31
N TYR A 406 -0.41 4.88 -0.96
CA TYR A 406 -0.82 6.21 -1.37
C TYR A 406 -2.06 6.09 -2.29
N SER A 407 -2.07 5.04 -3.13
CA SER A 407 -3.16 4.82 -4.10
C SER A 407 -4.41 4.33 -3.42
N VAL A 408 -4.25 3.37 -2.51
CA VAL A 408 -5.37 2.94 -1.68
C VAL A 408 -5.98 4.12 -0.87
N ALA A 409 -5.17 5.05 -0.40
CA ALA A 409 -5.64 6.20 0.36
C ALA A 409 -6.51 7.06 -0.55
N SER A 410 -6.05 7.23 -1.80
CA SER A 410 -6.76 7.99 -2.78
C SER A 410 -8.11 7.33 -3.11
N TYR A 411 -8.09 6.01 -3.33
CA TYR A 411 -9.29 5.27 -3.73
C TYR A 411 -10.36 5.28 -2.61
N ALA A 412 -9.94 5.07 -1.36
CA ALA A 412 -10.85 4.89 -0.23
C ALA A 412 -11.47 6.21 0.18
N TRP A 413 -10.74 7.30 -0.05
CA TRP A 413 -11.30 8.60 0.25
C TRP A 413 -12.32 9.03 -0.78
N ASN A 414 -11.95 8.92 -2.06
CA ASN A 414 -12.83 9.35 -3.14
C ASN A 414 -12.81 8.30 -4.28
N PRO A 415 -13.51 7.16 -4.09
CA PRO A 415 -13.53 6.10 -5.12
C PRO A 415 -14.19 6.52 -6.44
N ALA A 416 -15.19 7.39 -6.39
CA ALA A 416 -15.89 7.76 -7.61
C ALA A 416 -14.93 8.49 -8.53
N LYS A 417 -13.93 9.17 -7.94
CA LYS A 417 -12.95 9.90 -8.77
C LYS A 417 -11.60 9.17 -8.90
N TYR A 418 -11.51 7.93 -8.41
CA TYR A 418 -10.25 7.20 -8.46
C TYR A 418 -9.72 7.00 -9.87
N ASP A 419 -8.45 7.37 -10.05
CA ASP A 419 -7.76 7.35 -11.35
C ASP A 419 -6.51 6.50 -11.16
N THR A 420 -6.56 5.26 -11.63
CA THR A 420 -5.49 4.29 -11.38
C THR A 420 -4.08 4.83 -11.73
N TRP A 421 -3.94 5.26 -12.97
CA TRP A 421 -2.64 5.51 -13.54
C TRP A 421 -2.09 6.81 -12.97
N GLN A 422 -2.92 7.86 -12.98
CA GLN A 422 -2.48 9.16 -12.50
C GLN A 422 -2.04 9.10 -11.03
N THR A 423 -2.70 8.24 -10.25
CA THR A 423 -2.44 8.18 -8.84
C THR A 423 -1.14 7.45 -8.61
N TRP A 424 -0.88 6.43 -9.42
CA TRP A 424 0.40 5.70 -9.39
C TRP A 424 1.54 6.68 -9.71
N LYS A 425 1.38 7.50 -10.74
CA LYS A 425 2.43 8.50 -11.01
C LYS A 425 2.61 9.52 -9.87
N ASP A 426 1.48 10.00 -9.34
CA ASP A 426 1.51 10.93 -8.21
C ASP A 426 2.16 10.26 -7.01
N ALA A 427 1.88 8.98 -6.78
CA ALA A 427 2.53 8.29 -5.64
C ALA A 427 4.06 8.31 -5.78
N ILE A 428 4.52 7.93 -6.95
CA ILE A 428 5.93 7.81 -7.22
C ILE A 428 6.66 9.17 -7.12
N ARG A 429 6.05 10.19 -7.69
CA ARG A 429 6.62 11.54 -7.65
C ARG A 429 6.63 12.09 -6.23
N THR A 430 5.71 11.63 -5.40
CA THR A 430 5.63 12.11 -4.02
C THR A 430 6.71 11.46 -3.21
N ILE A 431 6.87 10.16 -3.41
CA ILE A 431 7.87 9.35 -2.72
C ILE A 431 9.31 9.63 -3.18
N LEU A 432 9.54 9.82 -4.48
CA LEU A 432 10.91 10.04 -4.93
C LEU A 432 11.01 11.13 -6.00
N PRO A 433 10.80 12.41 -5.59
CA PRO A 433 10.70 13.48 -6.58
C PRO A 433 12.00 13.70 -7.37
N SER A 434 13.15 13.47 -6.71
CA SER A 434 14.48 13.62 -7.35
C SER A 434 14.72 12.54 -8.44
N ALA A 435 14.01 11.43 -8.39
CA ALA A 435 14.22 10.40 -9.42
C ALA A 435 12.91 9.66 -9.79
N ALA A 436 11.88 10.45 -10.05
CA ALA A 436 10.54 9.98 -10.36
C ALA A 436 10.48 9.13 -11.62
N GLU A 437 11.13 9.57 -12.70
CA GLU A 437 11.11 8.82 -13.96
C GLU A 437 11.80 7.45 -13.81
N GLU A 438 12.88 7.43 -13.03
CA GLU A 438 13.70 6.23 -12.85
C GLU A 438 12.90 5.19 -12.04
N LEU A 439 12.27 5.63 -10.94
CA LEU A 439 11.38 4.76 -10.14
C LEU A 439 10.17 4.28 -10.95
N GLU A 440 9.61 5.16 -11.81
CA GLU A 440 8.55 4.69 -12.69
C GLU A 440 9.01 3.54 -13.58
N CYS A 441 10.15 3.74 -14.21
CA CYS A 441 10.74 2.74 -15.08
C CYS A 441 10.95 1.43 -14.31
N PHE A 442 11.57 1.50 -13.15
CA PHE A 442 11.76 0.29 -12.34
C PHE A 442 10.42 -0.36 -11.90
N ALA A 443 9.48 0.45 -11.42
CA ALA A 443 8.20 -0.09 -10.95
C ALA A 443 7.35 -0.72 -12.11
N MET A 444 7.44 -0.14 -13.30
N MET A 444 7.45 -0.13 -13.30
CA MET A 444 6.57 -0.60 -14.38
CA MET A 444 6.65 -0.56 -14.45
C MET A 444 7.03 -1.96 -14.95
C MET A 444 6.97 -2.02 -14.78
N HIS A 445 8.22 -2.39 -14.57
CA HIS A 445 8.68 -3.71 -14.92
C HIS A 445 8.83 -4.57 -13.66
N ASN A 446 8.31 -4.09 -12.53
CA ASN A 446 8.23 -4.84 -11.28
C ASN A 446 6.83 -4.86 -10.64
N SER A 447 5.87 -5.42 -11.38
CA SER A 447 4.46 -5.38 -10.99
C SER A 447 3.80 -6.73 -10.86
N ASP A 448 4.16 -7.69 -11.72
CA ASP A 448 3.45 -8.97 -11.76
C ASP A 448 4.00 -9.87 -10.66
N LEU A 449 3.23 -10.89 -10.29
CA LEU A 449 3.55 -11.78 -9.18
C LEU A 449 4.23 -13.08 -9.64
N GLY A 450 4.19 -13.32 -10.96
CA GLY A 450 4.53 -14.62 -11.52
C GLY A 450 3.57 -15.69 -11.05
N PRO A 451 3.66 -16.90 -11.64
CA PRO A 451 2.80 -18.02 -11.25
C PRO A 451 2.78 -18.23 -9.76
N ASN A 452 1.59 -18.41 -9.20
CA ASN A 452 1.51 -18.64 -7.75
C ASN A 452 0.28 -19.44 -7.33
N GLY A 453 0.29 -19.90 -6.08
CA GLY A 453 -0.75 -20.81 -5.58
C GLY A 453 -2.09 -20.10 -5.41
N HIS A 454 -2.05 -18.79 -5.22
CA HIS A 454 -3.27 -17.98 -5.20
C HIS A 454 -3.82 -17.60 -6.55
N GLY A 455 -3.13 -17.88 -7.64
CA GLY A 455 -3.59 -17.52 -9.01
C GLY A 455 -3.76 -16.02 -9.31
N TYR A 456 -3.16 -15.15 -8.50
CA TYR A 456 -3.39 -13.71 -8.64
C TYR A 456 -2.24 -13.00 -9.42
N ARG A 457 -2.59 -12.31 -10.50
CA ARG A 457 -1.62 -11.68 -11.36
C ARG A 457 -1.86 -10.17 -11.53
N ARG A 458 -0.83 -9.47 -12.00
CA ARG A 458 -0.96 -8.05 -12.31
C ARG A 458 -0.28 -7.84 -13.67
N GLU A 459 -0.72 -6.81 -14.38
CA GLU A 459 -0.05 -6.44 -15.60
C GLU A 459 1.35 -5.90 -15.34
N GLU A 460 2.22 -5.97 -16.35
CA GLU A 460 3.58 -5.44 -16.26
C GLU A 460 4.11 -5.18 -17.66
N SER A 461 4.88 -4.11 -17.86
CA SER A 461 5.64 -3.90 -19.12
C SER A 461 4.71 -3.73 -20.32
N MET A 462 3.51 -3.21 -20.08
CA MET A 462 2.51 -3.10 -21.15
C MET A 462 2.97 -2.22 -22.31
N ASP A 463 3.69 -1.16 -22.00
CA ASP A 463 4.35 -0.29 -22.98
C ASP A 463 5.02 -0.99 -24.16
N ILE A 464 5.87 -1.96 -23.84
CA ILE A 464 6.74 -2.60 -24.83
C ILE A 464 6.21 -3.96 -25.27
N GLN A 465 5.18 -4.43 -24.59
CA GLN A 465 4.60 -5.76 -24.81
C GLN A 465 4.13 -6.07 -26.25
N PRO A 466 3.53 -5.07 -26.95
CA PRO A 466 3.24 -5.30 -28.38
C PRO A 466 4.50 -5.54 -29.20
N ALA A 467 5.50 -4.67 -28.99
CA ALA A 467 6.77 -4.71 -29.73
C ALA A 467 7.50 -6.00 -29.44
N ALA A 468 7.43 -6.43 -28.19
CA ALA A 468 8.02 -7.68 -27.74
C ALA A 468 7.36 -8.85 -28.46
N GLU A 469 6.03 -8.92 -28.33
CA GLU A 469 5.21 -9.98 -28.92
C GLU A 469 5.43 -10.17 -30.42
N ARG A 470 5.53 -9.06 -31.15
CA ARG A 470 5.79 -9.04 -32.59
C ARG A 470 7.18 -9.56 -32.95
N PHE A 471 8.16 -9.16 -32.14
CA PHE A 471 9.54 -9.52 -32.34
C PHE A 471 9.65 -11.04 -32.23
N LEU A 472 9.19 -11.59 -31.11
CA LEU A 472 9.18 -13.03 -30.83
C LEU A 472 8.55 -13.87 -31.96
N LYS A 473 7.35 -13.46 -32.39
CA LYS A 473 6.60 -14.12 -33.46
C LYS A 473 7.39 -14.19 -34.77
N ALA A 474 8.10 -13.12 -35.12
CA ALA A 474 8.94 -13.08 -36.33
C ALA A 474 10.10 -14.08 -36.33
N PHE A 475 10.37 -14.69 -35.18
CA PHE A 475 11.36 -15.75 -35.07
C PHE A 475 10.71 -17.15 -35.14
N LYS A 476 9.69 -17.35 -34.30
CA LYS A 476 8.84 -18.55 -34.32
C LYS A 476 8.41 -18.95 -35.74
N GLU A 477 8.16 -17.95 -36.59
CA GLU A 477 7.69 -18.19 -37.95
C GLU A 477 8.81 -18.16 -39.00
N GLY A 478 9.90 -17.46 -38.67
CA GLY A 478 11.08 -17.38 -39.54
C GLY A 478 11.10 -16.18 -40.47
N LYS A 479 10.55 -15.07 -40.00
CA LYS A 479 10.40 -13.86 -40.81
C LYS A 479 11.29 -12.72 -40.30
N ASN A 480 11.36 -11.62 -41.06
CA ASN A 480 12.10 -10.44 -40.64
C ASN A 480 11.35 -9.66 -39.60
N TYR A 481 11.99 -9.39 -38.46
CA TYR A 481 11.41 -8.56 -37.40
C TYR A 481 11.39 -7.09 -37.83
N ASP A 482 10.39 -6.35 -37.37
CA ASP A 482 10.30 -4.93 -37.68
C ASP A 482 11.38 -4.17 -36.91
N LYS A 483 12.05 -3.27 -37.61
CA LYS A 483 13.19 -2.52 -37.06
C LYS A 483 12.81 -1.66 -35.85
N ALA A 484 11.67 -1.00 -35.95
CA ALA A 484 11.18 -0.11 -34.90
C ALA A 484 11.07 -0.84 -33.57
N ASP A 485 10.71 -2.13 -33.63
CA ASP A 485 10.56 -2.97 -32.43
C ASP A 485 11.91 -3.24 -31.84
N PHE A 486 12.87 -3.59 -32.69
CA PHE A 486 14.26 -3.80 -32.26
C PHE A 486 14.74 -2.58 -31.46
N GLU A 487 14.49 -1.40 -32.01
CA GLU A 487 14.95 -0.15 -31.41
C GLU A 487 14.19 0.16 -30.13
N THR A 488 12.90 -0.18 -30.09
CA THR A 488 12.10 0.04 -28.89
C THR A 488 12.61 -0.83 -27.75
N LEU A 489 13.04 -2.04 -28.10
CA LEU A 489 13.66 -2.95 -27.13
C LEU A 489 15.03 -2.42 -26.69
N GLN A 490 15.83 -1.95 -27.63
CA GLN A 490 17.06 -1.24 -27.27
C GLN A 490 16.79 -0.09 -26.30
N TYR A 491 15.90 0.84 -26.67
CA TYR A 491 15.59 2.03 -25.83
C TYR A 491 15.14 1.60 -24.43
N THR A 492 14.32 0.57 -24.36
CA THR A 492 13.86 0.06 -23.08
C THR A 492 15.02 -0.47 -22.22
N PHE A 493 15.89 -1.30 -22.78
CA PHE A 493 17.04 -1.76 -21.99
C PHE A 493 17.93 -0.60 -21.53
N GLU A 494 18.16 0.36 -22.41
CA GLU A 494 18.96 1.53 -22.04
C GLU A 494 18.34 2.30 -20.84
N ARG A 495 17.04 2.59 -20.89
CA ARG A 495 16.37 3.30 -19.81
C ARG A 495 16.40 2.48 -18.51
N MET A 496 16.32 1.16 -18.65
CA MET A 496 16.45 0.29 -17.46
C MET A 496 17.82 0.46 -16.79
N LYS A 497 18.89 0.47 -17.59
CA LYS A 497 20.25 0.63 -17.06
C LYS A 497 20.40 1.97 -16.36
N GLU A 498 20.00 3.05 -17.03
CA GLU A 498 20.01 4.40 -16.43
C GLU A 498 19.28 4.46 -15.08
N SER A 499 18.09 3.86 -15.03
CA SER A 499 17.24 3.93 -13.84
C SER A 499 17.84 3.13 -12.72
N ALA A 500 18.37 1.94 -13.04
CA ALA A 500 19.08 1.14 -12.03
C ALA A 500 20.26 1.90 -11.41
N ASP A 501 21.12 2.47 -12.24
CA ASP A 501 22.29 3.17 -11.75
C ASP A 501 21.94 4.38 -10.89
N ILE A 502 20.97 5.17 -11.34
CA ILE A 502 20.55 6.33 -10.62
C ILE A 502 19.85 5.99 -9.30
N LEU A 503 18.97 4.97 -9.32
CA LEU A 503 18.29 4.56 -8.11
C LEU A 503 19.28 4.09 -7.05
N LEU A 504 20.25 3.26 -7.43
CA LEU A 504 21.28 2.80 -6.47
C LEU A 504 21.89 3.91 -5.63
N MET A 505 22.14 5.07 -6.26
CA MET A 505 22.88 6.17 -5.63
C MET A 505 22.00 7.26 -5.07
N ASN A 506 20.70 7.04 -5.10
CA ASN A 506 19.78 8.07 -4.60
C ASN A 506 19.80 8.16 -3.08
N THR A 507 19.82 9.37 -2.54
CA THR A 507 19.97 9.58 -1.10
C THR A 507 18.77 10.29 -0.51
N GLU A 508 17.75 10.50 -1.32
CA GLU A 508 16.56 11.21 -0.84
C GLU A 508 15.65 10.26 -0.02
N ASN A 509 15.61 9.00 -0.42
CA ASN A 509 14.94 7.97 0.38
C ASN A 509 15.83 6.70 0.44
N LYS A 510 16.87 6.79 1.27
CA LYS A 510 17.78 5.66 1.52
C LYS A 510 17.05 4.38 1.95
N PRO A 511 16.12 4.47 2.93
CA PRO A 511 15.47 3.23 3.31
C PRO A 511 14.78 2.55 2.14
N LEU A 512 14.09 3.32 1.30
CA LEU A 512 13.51 2.76 0.09
C LEU A 512 14.59 2.04 -0.72
N ILE A 513 15.70 2.76 -0.98
CA ILE A 513 16.77 2.21 -1.80
C ILE A 513 17.37 0.93 -1.17
N VAL A 514 17.54 0.92 0.15
CA VAL A 514 18.00 -0.31 0.81
C VAL A 514 17.03 -1.50 0.53
N GLU A 515 15.73 -1.27 0.66
CA GLU A 515 14.73 -2.32 0.39
C GLU A 515 14.88 -2.92 -1.01
N ILE A 516 14.95 -2.08 -2.02
CA ILE A 516 14.86 -2.53 -3.42
C ILE A 516 16.21 -2.91 -4.05
N THR A 517 17.32 -2.48 -3.43
CA THR A 517 18.65 -2.70 -4.00
C THR A 517 18.92 -4.10 -4.67
N PRO A 518 18.58 -5.22 -4.00
CA PRO A 518 18.93 -6.50 -4.67
C PRO A 518 18.15 -6.66 -6.00
N TRP A 519 16.90 -6.17 -6.07
CA TRP A 519 16.12 -6.22 -7.31
C TRP A 519 16.68 -5.22 -8.32
N VAL A 520 17.21 -4.10 -7.84
CA VAL A 520 17.89 -3.13 -8.71
C VAL A 520 19.08 -3.75 -9.40
N HIS A 521 19.92 -4.47 -8.64
CA HIS A 521 21.09 -5.14 -9.24
C HIS A 521 20.62 -6.09 -10.34
N GLN A 522 19.58 -6.84 -10.03
CA GLN A 522 19.07 -7.88 -10.91
C GLN A 522 18.36 -7.32 -12.16
N PHE A 523 17.66 -6.21 -11.97
CA PHE A 523 17.08 -5.43 -13.03
C PHE A 523 18.15 -4.86 -13.98
N LYS A 524 19.26 -4.33 -13.44
CA LYS A 524 20.34 -3.84 -14.27
C LYS A 524 20.94 -4.98 -15.08
N LEU A 525 21.19 -6.08 -14.41
CA LEU A 525 21.72 -7.27 -15.10
C LEU A 525 20.81 -7.75 -16.25
N THR A 526 19.51 -7.77 -16.02
CA THR A 526 18.54 -8.04 -17.06
C THR A 526 18.71 -7.10 -18.27
N ALA A 527 18.86 -5.81 -18.01
CA ALA A 527 18.99 -4.85 -19.10
C ALA A 527 20.25 -5.07 -19.89
N GLU A 528 21.38 -5.27 -19.21
CA GLU A 528 22.66 -5.54 -19.88
C GLU A 528 22.55 -6.84 -20.69
N MET A 529 21.94 -7.87 -20.11
CA MET A 529 21.73 -9.12 -20.85
C MET A 529 20.95 -8.84 -22.12
N GLY A 530 19.92 -7.99 -21.99
CA GLY A 530 19.08 -7.58 -23.12
C GLY A 530 19.87 -6.92 -24.22
N GLU A 531 20.80 -6.03 -23.87
CA GLU A 531 21.55 -5.31 -24.91
C GLU A 531 22.46 -6.29 -25.65
N GLU A 532 23.10 -7.18 -24.90
CA GLU A 532 24.04 -8.12 -25.47
C GLU A 532 23.34 -9.16 -26.35
N VAL A 533 22.16 -9.60 -25.92
CA VAL A 533 21.41 -10.58 -26.68
C VAL A 533 20.95 -10.01 -28.03
N LEU A 534 20.50 -8.75 -28.04
CA LEU A 534 20.14 -8.08 -29.31
C LEU A 534 21.35 -7.96 -30.22
N LYS A 535 22.50 -7.59 -29.67
CA LYS A 535 23.74 -7.60 -30.42
C LYS A 535 24.03 -8.96 -31.06
N MET A 536 23.74 -10.06 -30.35
CA MET A 536 23.85 -11.40 -30.93
C MET A 536 22.90 -11.58 -32.11
N VAL A 537 21.75 -10.91 -32.07
CA VAL A 537 20.78 -10.96 -33.18
C VAL A 537 21.36 -10.38 -34.47
N GLU A 538 22.03 -9.23 -34.37
CA GLU A 538 22.77 -8.64 -35.51
C GLU A 538 24.06 -9.41 -35.77
N GLY A 539 24.10 -10.16 -36.88
CA GLY A 539 25.22 -11.07 -37.21
C GLY A 539 26.59 -10.55 -36.81
N ASN A 541 29.71 -11.49 -38.28
CA ASN A 541 30.94 -11.97 -37.65
C ASN A 541 30.69 -13.19 -36.76
N GLU A 542 31.41 -14.26 -37.02
CA GLU A 542 31.28 -15.50 -36.26
C GLU A 542 32.06 -15.41 -34.95
N SER A 543 33.03 -14.51 -34.90
CA SER A 543 33.85 -14.33 -33.70
C SER A 543 33.28 -13.24 -32.80
N TYR A 544 32.40 -12.41 -33.36
CA TYR A 544 31.78 -11.34 -32.61
C TYR A 544 30.72 -12.03 -31.85
N PHE A 545 29.96 -12.81 -32.57
CA PHE A 545 28.89 -13.57 -31.96
C PHE A 545 29.39 -14.40 -30.78
N LEU A 546 30.59 -14.95 -30.90
CA LEU A 546 31.21 -15.68 -29.81
C LEU A 546 31.50 -14.80 -28.61
N ARG A 547 32.17 -13.68 -28.81
CA ARG A 547 32.37 -12.74 -27.71
C ARG A 547 31.05 -12.45 -26.97
N LYS A 548 30.00 -12.12 -27.72
CA LYS A 548 28.70 -11.70 -27.15
C LYS A 548 28.02 -12.83 -26.40
N TYR A 549 28.13 -14.05 -26.93
CA TYR A 549 27.59 -15.24 -26.30
C TYR A 549 28.27 -15.45 -24.95
N ASN A 550 29.60 -15.50 -24.96
CA ASN A 550 30.36 -15.65 -23.72
C ASN A 550 30.04 -14.54 -22.72
N HIS A 551 29.85 -13.32 -23.22
CA HIS A 551 29.49 -12.21 -22.35
C HIS A 551 28.15 -12.49 -21.67
N VAL A 552 27.18 -12.97 -22.45
CA VAL A 552 25.85 -13.27 -21.95
C VAL A 552 25.89 -14.41 -20.94
N LYS A 553 26.65 -15.47 -21.23
CA LYS A 553 26.87 -16.55 -20.23
C LYS A 553 27.33 -15.97 -18.88
N ALA A 554 28.27 -15.02 -18.93
CA ALA A 554 28.74 -14.35 -17.69
C ALA A 554 27.63 -13.60 -16.96
N LEU A 555 26.79 -12.89 -17.72
CA LEU A 555 25.67 -12.15 -17.15
C LEU A 555 24.60 -13.08 -16.50
N GLN A 556 24.27 -14.17 -17.19
CA GLN A 556 23.38 -15.21 -16.62
C GLN A 556 23.96 -15.68 -15.28
N GLN A 557 25.24 -15.99 -15.28
CA GLN A 557 25.88 -16.44 -14.04
C GLN A 557 25.76 -15.41 -12.92
N GLN A 558 25.90 -14.13 -13.24
CA GLN A 558 25.83 -13.14 -12.17
C GLN A 558 24.40 -13.07 -11.63
N MET A 559 23.44 -13.30 -12.49
CA MET A 559 22.04 -13.30 -12.11
C MET A 559 21.71 -14.53 -11.25
N PHE A 560 22.25 -15.68 -11.62
N PHE A 560 22.25 -15.68 -11.64
CA PHE A 560 22.12 -16.89 -10.80
CA PHE A 560 22.12 -16.88 -10.84
C PHE A 560 22.66 -16.62 -9.41
C PHE A 560 22.67 -16.62 -9.44
N TYR A 561 23.85 -16.03 -9.35
CA TYR A 561 24.47 -15.75 -8.06
C TYR A 561 23.61 -14.87 -7.17
N ILE A 562 23.04 -13.79 -7.70
CA ILE A 562 22.19 -12.90 -6.88
C ILE A 562 20.94 -13.65 -6.39
N ASP A 563 20.39 -14.48 -7.26
CA ASP A 563 19.21 -15.27 -6.95
C ASP A 563 19.47 -16.32 -5.86
N GLN A 564 20.74 -16.67 -5.70
CA GLN A 564 21.12 -17.74 -4.79
C GLN A 564 21.61 -17.19 -3.47
N THR A 565 21.98 -15.91 -3.43
CA THR A 565 22.55 -15.33 -2.22
C THR A 565 21.77 -14.16 -1.61
N SER A 566 20.93 -13.48 -2.41
CA SER A 566 20.06 -12.43 -1.87
C SER A 566 18.68 -12.93 -1.51
N ASN A 567 18.13 -12.32 -0.45
CA ASN A 567 16.79 -12.57 0.03
C ASN A 567 16.53 -14.08 0.15
N GLN A 568 17.37 -14.77 0.91
CA GLN A 568 17.27 -16.23 1.07
C GLN A 568 16.33 -16.68 2.22
N ASN A 569 15.06 -16.31 2.09
CA ASN A 569 13.96 -16.79 2.92
C ASN A 569 13.58 -18.25 2.58
N PRO A 570 12.93 -18.95 3.52
CA PRO A 570 12.62 -20.38 3.41
C PRO A 570 11.56 -20.74 2.37
N TYR A 571 10.87 -19.74 1.81
CA TYR A 571 9.64 -19.99 1.05
C TYR A 571 9.77 -19.71 -0.46
N GLN A 572 10.16 -18.49 -0.81
CA GLN A 572 10.48 -18.15 -2.20
C GLN A 572 11.80 -17.39 -2.20
N PRO A 573 12.93 -18.12 -2.10
CA PRO A 573 14.22 -17.46 -2.00
C PRO A 573 14.57 -16.78 -3.32
N GLY A 574 15.32 -15.70 -3.23
CA GLY A 574 15.84 -15.06 -4.43
C GLY A 574 15.26 -13.75 -4.89
N VAL A 575 15.60 -13.42 -6.11
CA VAL A 575 15.30 -12.10 -6.58
C VAL A 575 14.90 -12.24 -8.03
N LYS A 576 13.67 -11.92 -8.36
CA LYS A 576 13.20 -12.02 -9.73
C LYS A 576 12.69 -10.68 -10.13
N THR A 577 12.92 -10.30 -11.38
CA THR A 577 12.52 -8.97 -11.83
C THR A 577 12.13 -9.03 -13.28
N ALA A 578 11.34 -8.06 -13.73
CA ALA A 578 10.83 -8.01 -15.11
C ALA A 578 10.38 -9.35 -15.72
N THR A 579 9.69 -10.15 -14.91
CA THR A 579 9.35 -11.55 -15.25
C THR A 579 8.26 -11.76 -16.27
N ARG A 580 7.34 -10.80 -16.40
CA ARG A 580 6.17 -11.08 -17.24
C ARG A 580 6.51 -11.11 -18.72
N VAL A 581 7.31 -10.16 -19.17
CA VAL A 581 7.53 -9.92 -20.59
C VAL A 581 9.03 -9.86 -20.87
N ILE A 582 9.77 -9.09 -20.08
CA ILE A 582 11.16 -8.79 -20.48
C ILE A 582 12.10 -10.01 -20.39
N LYS A 583 12.08 -10.72 -19.25
CA LYS A 583 12.96 -11.89 -19.06
C LYS A 583 12.63 -13.05 -20.02
N PRO A 584 11.33 -13.37 -20.22
CA PRO A 584 11.05 -14.38 -21.26
C PRO A 584 11.50 -13.95 -22.66
N LEU A 585 11.30 -12.68 -23.00
CA LEU A 585 11.69 -12.16 -24.30
C LEU A 585 13.17 -12.36 -24.54
N ILE A 586 13.97 -12.02 -23.52
CA ILE A 586 15.42 -12.19 -23.59
C ILE A 586 15.85 -13.67 -23.69
N ASP A 587 15.29 -14.52 -22.83
CA ASP A 587 15.62 -15.92 -22.77
C ASP A 587 15.26 -16.66 -24.06
N ARG A 588 14.08 -16.37 -24.59
N ARG A 588 14.09 -16.36 -24.61
CA ARG A 588 13.60 -16.95 -25.85
CA ARG A 588 13.65 -17.01 -25.83
C ARG A 588 14.49 -16.53 -27.01
C ARG A 588 14.36 -16.49 -27.09
N THR A 589 14.79 -15.23 -27.08
CA THR A 589 15.58 -14.67 -28.17
C THR A 589 16.98 -15.31 -28.13
N PHE A 590 17.57 -15.44 -26.93
CA PHE A 590 18.85 -16.12 -26.76
C PHE A 590 18.81 -17.57 -27.24
N ALA A 591 17.83 -18.35 -26.76
CA ALA A 591 17.73 -19.75 -27.17
C ALA A 591 17.56 -19.90 -28.66
N THR A 592 16.91 -18.92 -29.31
CA THR A 592 16.63 -19.01 -30.74
C THR A 592 17.90 -18.78 -31.56
N VAL A 593 18.57 -17.65 -31.28
CA VAL A 593 19.74 -17.22 -32.04
C VAL A 593 20.95 -18.16 -31.88
N VAL A 594 21.05 -18.79 -30.71
CA VAL A 594 22.07 -19.79 -30.45
C VAL A 594 21.82 -21.04 -31.30
N LYS A 595 20.56 -21.43 -31.42
CA LYS A 595 20.16 -22.56 -32.28
C LYS A 595 20.48 -22.30 -33.76
N PHE A 596 20.06 -21.13 -34.28
CA PHE A 596 20.40 -20.74 -35.65
C PHE A 596 21.89 -20.87 -35.87
N PHE A 597 22.67 -20.32 -34.93
CA PHE A 597 24.13 -20.33 -35.02
C PHE A 597 24.69 -21.74 -35.09
N ASN A 598 24.26 -22.59 -34.14
CA ASN A 598 24.66 -23.99 -34.09
C ASN A 598 24.34 -24.73 -35.39
N GLN A 599 23.20 -24.40 -35.99
CA GLN A 599 22.79 -24.96 -37.27
C GLN A 599 23.62 -24.41 -38.44
N LYS A 600 24.05 -23.16 -38.33
CA LYS A 600 24.86 -22.53 -39.38
C LYS A 600 26.30 -23.02 -39.43
N PHE A 601 27.02 -22.89 -38.32
CA PHE A 601 28.45 -23.19 -38.31
C PHE A 601 28.74 -24.58 -37.73
N ASN A 602 27.72 -25.43 -37.62
CA ASN A 602 27.86 -26.76 -37.02
C ASN A 602 28.50 -26.77 -35.62
N ALA A 603 28.13 -25.80 -34.79
CA ALA A 603 28.60 -25.71 -33.40
C ALA A 603 27.63 -26.36 -32.40
N HIS A 604 28.09 -26.53 -31.16
CA HIS A 604 27.24 -27.09 -30.09
C HIS A 604 27.26 -26.18 -28.86
N LEU A 605 27.06 -24.88 -29.09
CA LEU A 605 26.91 -23.90 -28.01
C LEU A 605 25.69 -24.27 -27.17
N ASP A 606 25.85 -24.14 -25.86
CA ASP A 606 24.79 -24.40 -24.88
C ASP A 606 23.72 -23.30 -24.95
N ALA A 607 22.50 -23.71 -25.31
CA ALA A 607 21.39 -22.78 -25.55
C ALA A 607 20.53 -22.51 -24.30
N THR A 608 20.94 -23.07 -23.16
CA THR A 608 20.13 -22.98 -21.94
C THR A 608 20.19 -21.60 -21.32
N THR A 609 19.29 -21.37 -20.37
CA THR A 609 19.21 -20.13 -19.63
C THR A 609 18.79 -20.53 -18.22
C1 NGO B . -4.32 -14.04 4.53
C2 NGO B . -3.65 -13.84 5.90
C3 NGO B . -2.49 -12.85 5.91
C4 NGO B . -1.60 -13.03 4.71
C5 NGO B . -2.43 -12.92 3.43
C6 NGO B . -1.51 -12.92 2.19
C7 NGO B . -5.65 -12.82 5.85
C8 NGO B . -6.92 -12.17 6.32
N2 NGO B . -4.74 -13.22 6.65
O1 NGO B . -5.38 -13.09 4.46
O3 NGO B . -1.73 -12.98 7.12
O4 NGO B . -0.68 -11.94 4.73
O5 NGO B . -3.45 -13.95 3.39
O6 NGO B . -0.86 -14.18 1.97
C1 GOL C . -5.45 -1.49 -15.67
O1 GOL C . -5.66 -0.17 -15.30
C2 GOL C . -4.00 -1.62 -16.05
O2 GOL C . -3.74 -2.85 -16.65
C3 GOL C . -3.23 -1.57 -14.76
O3 GOL C . -1.95 -2.04 -15.01
CA CA D . -12.34 23.50 18.42
#